data_4K1G
#
_entry.id   4K1G
#
_cell.length_a   117.950
_cell.length_b   136.660
_cell.length_c   112.460
_cell.angle_alpha   90.00
_cell.angle_beta   90.00
_cell.angle_gamma   90.00
#
_symmetry.space_group_name_H-M   'C 2 2 21'
#
loop_
_entity.id
_entity.type
_entity.pdbx_description
1 polymer 'Endonuclease 4'
2 polymer "DNA (5'-D(*GP*CP*GP*TP*CP*C)-3')"
3 polymer "DNA (5'-D(*CP*GP*TP*CP*GP*TP*CP*GP*TP*GP*GP*AP*CP*GP*C)-3')"
4 polymer "DNA (5'-D(P*AP*CP*GP*AP*CP*GP*AP*CP*G)-3')"
5 non-polymer 'ZINC ION'
6 non-polymer DI(HYDROXYETHYL)ETHER
7 water water
#
loop_
_entity_poly.entity_id
_entity_poly.type
_entity_poly.pdbx_seq_one_letter_code
_entity_poly.pdbx_strand_id
1 'polypeptide(L)'
;MKYIGAHVSAAGGLANAAIRAAEIDATAFALFTKNQRQWRAAPLTTQTIDEFKAACEKYHYTSAQILPADSYLINLGHPV
TEALEKSRDAFIDEMQRCEQLGLSLLNFHPGSHLMQISEEDCLARIAESINIALDKTQGVTAVIENTAGQGSNLGFKFEH
LAAIIDGVEDKSRVGVCIDTCHAFAAGYDLRTPAECEKTFADFARTVGFKYLRGMHLNDAKSTFGSRVDRHHSLGEGNIG
HDAFRWIMQDDRFDGIPLILETINPDIWAEEIAWLKAQQTEKAVA
;
A,B
2 'polydeoxyribonucleotide' (DG)(DC)(DG)(DT)(DC)(DC) E,M
3 'polydeoxyribonucleotide' (DC)(DG)(DT)(DC)(DG)(DT)(DC)(DG)(DT)(DG)(DG)(DA)(DC)(DG)(DC) F,N
4 'polydeoxyribonucleotide' (DA)(DC)(DG)(DA)(DC)(DG)(DA)(DC)(DG) H,O
#
# COMPACT_ATOMS: atom_id res chain seq x y z
N MET A 1 2.10 12.31 0.01
CA MET A 1 3.00 13.27 0.64
C MET A 1 3.95 12.55 1.61
N LYS A 2 5.18 13.05 1.71
CA LYS A 2 6.18 12.58 2.66
C LYS A 2 6.55 13.69 3.63
N TYR A 3 6.85 13.31 4.87
CA TYR A 3 7.23 14.23 5.93
C TYR A 3 8.64 13.86 6.35
N ILE A 4 9.59 14.81 6.23
CA ILE A 4 11.03 14.57 6.40
C ILE A 4 11.65 15.52 7.38
N GLY A 5 12.38 14.96 8.34
CA GLY A 5 13.03 15.77 9.36
C GLY A 5 14.20 15.07 10.00
N ALA A 6 14.53 15.47 11.21
CA ALA A 6 15.64 14.92 11.98
C ALA A 6 15.26 14.92 13.46
N HIS A 7 16.03 14.21 14.29
CA HIS A 7 15.83 14.20 15.73
C HIS A 7 16.63 15.39 16.23
N VAL A 8 15.95 16.54 16.37
CA VAL A 8 16.54 17.80 16.83
C VAL A 8 16.70 17.88 18.37
N SER A 9 17.62 18.74 18.83
CA SER A 9 17.87 18.95 20.24
C SER A 9 16.71 19.75 20.84
N ALA A 10 16.33 19.42 22.10
CA ALA A 10 15.30 20.12 22.85
C ALA A 10 15.98 21.00 23.95
N ALA A 11 17.31 21.24 23.82
CA ALA A 11 18.08 22.11 24.74
C ALA A 11 17.40 23.46 24.78
N GLY A 12 17.19 23.99 25.97
CA GLY A 12 16.53 25.27 26.18
C GLY A 12 15.01 25.29 26.13
N GLY A 13 14.38 24.13 25.97
CA GLY A 13 12.92 24.05 25.93
C GLY A 13 12.38 23.32 24.72
N LEU A 14 11.24 22.65 24.90
CA LEU A 14 10.62 21.85 23.84
C LEU A 14 10.24 22.64 22.60
N ALA A 15 9.81 23.91 22.78
CA ALA A 15 9.45 24.80 21.67
C ALA A 15 10.63 24.99 20.74
N ASN A 16 11.86 25.00 21.26
CA ASN A 16 13.09 25.11 20.47
C ASN A 16 13.28 23.94 19.49
N ALA A 17 12.70 22.75 19.80
CA ALA A 17 12.81 21.62 18.89
C ALA A 17 12.04 21.97 17.59
N ALA A 18 10.86 22.56 17.72
CA ALA A 18 10.09 22.96 16.54
C ALA A 18 10.80 24.09 15.76
N ILE A 19 11.47 25.01 16.49
CA ILE A 19 12.22 26.12 15.85
C ILE A 19 13.42 25.54 15.07
N ARG A 20 14.20 24.65 15.69
CA ARG A 20 15.37 23.99 15.05
C ARG A 20 14.96 23.18 13.83
N ALA A 21 13.78 22.48 13.91
CA ALA A 21 13.27 21.69 12.77
C ALA A 21 12.91 22.68 11.65
N ALA A 22 12.29 23.83 11.99
CA ALA A 22 11.94 24.78 10.92
C ALA A 22 13.19 25.39 10.26
N GLU A 23 14.26 25.54 11.01
CA GLU A 23 15.53 26.12 10.53
C GLU A 23 16.24 25.25 9.48
N ILE A 24 15.96 23.92 9.47
CA ILE A 24 16.56 23.00 8.49
C ILE A 24 15.55 22.63 7.41
N ASP A 25 14.39 23.36 7.37
CA ASP A 25 13.28 23.14 6.41
C ASP A 25 12.67 21.72 6.52
N ALA A 26 12.68 21.17 7.74
CA ALA A 26 12.11 19.86 7.99
C ALA A 26 10.58 19.94 7.90
N THR A 27 9.93 18.87 7.43
CA THR A 27 8.47 18.73 7.38
C THR A 27 8.01 17.71 8.42
N ALA A 28 8.96 17.29 9.27
CA ALA A 28 8.73 16.37 10.38
C ALA A 28 9.86 16.57 11.39
N PHE A 29 9.68 16.14 12.64
CA PHE A 29 10.76 16.14 13.61
C PHE A 29 10.57 15.12 14.70
N ALA A 30 11.67 14.80 15.38
CA ALA A 30 11.68 13.93 16.55
C ALA A 30 12.40 14.69 17.63
N LEU A 31 12.13 14.34 18.88
CA LEU A 31 12.75 14.94 20.06
C LEU A 31 12.59 14.01 21.23
N PHE A 32 13.28 14.33 22.32
CA PHE A 32 13.07 13.74 23.63
C PHE A 32 12.22 14.79 24.38
N THR A 33 11.15 14.39 25.07
CA THR A 33 10.31 15.37 25.81
C THR A 33 10.91 15.69 27.16
N LYS A 34 11.88 14.87 27.58
CA LYS A 34 12.62 15.06 28.83
C LYS A 34 13.99 14.47 28.61
N ASN A 35 14.94 14.79 29.52
CA ASN A 35 16.30 14.32 29.38
C ASN A 35 16.44 12.81 29.21
N GLN A 36 17.06 12.40 28.07
CA GLN A 36 17.31 11.01 27.64
C GLN A 36 18.14 10.14 28.59
N ARG A 37 18.91 10.75 29.50
CA ARG A 37 19.76 10.01 30.44
C ARG A 37 19.33 10.14 31.90
N GLN A 38 18.10 10.65 32.14
CA GLN A 38 17.61 10.80 33.51
C GLN A 38 16.28 10.10 33.69
N TRP A 39 16.05 9.57 34.89
CA TRP A 39 14.82 8.83 35.20
C TRP A 39 13.57 9.68 35.23
N ARG A 40 13.71 10.92 35.71
CA ARG A 40 12.55 11.81 35.82
C ARG A 40 12.88 13.27 35.55
N ALA A 41 11.84 14.04 35.25
CA ALA A 41 11.94 15.47 34.99
C ALA A 41 10.79 16.17 35.71
N ALA A 42 10.83 17.51 35.78
CA ALA A 42 9.77 18.31 36.37
C ALA A 42 8.51 18.10 35.53
N PRO A 43 7.31 18.04 36.14
CA PRO A 43 6.10 17.87 35.33
C PRO A 43 5.92 19.04 34.37
N LEU A 44 5.28 18.77 33.22
CA LEU A 44 5.02 19.83 32.25
C LEU A 44 3.99 20.79 32.83
N THR A 45 4.17 22.08 32.55
CA THR A 45 3.27 23.13 33.02
C THR A 45 2.47 23.63 31.84
N THR A 46 1.43 24.43 32.14
CA THR A 46 0.57 25.08 31.14
C THR A 46 1.41 25.92 30.19
N GLN A 47 2.42 26.66 30.71
CA GLN A 47 3.29 27.53 29.90
C GLN A 47 4.07 26.76 28.85
N THR A 48 4.89 25.78 29.30
CA THR A 48 5.71 24.89 28.46
C THR A 48 4.86 24.18 27.39
N ILE A 49 3.70 23.64 27.80
CA ILE A 49 2.73 22.99 26.92
C ILE A 49 2.24 23.98 25.84
N ASP A 50 1.80 25.19 26.26
CA ASP A 50 1.31 26.24 25.34
C ASP A 50 2.37 26.70 24.38
N GLU A 51 3.58 26.92 24.88
CA GLU A 51 4.73 27.35 24.08
C GLU A 51 5.07 26.28 23.02
N PHE A 52 5.07 24.99 23.42
CA PHE A 52 5.32 23.89 22.47
C PHE A 52 4.22 23.84 21.41
N LYS A 53 2.96 23.82 21.84
CA LYS A 53 1.81 23.81 20.94
C LYS A 53 1.82 25.01 20.00
N ALA A 54 2.14 26.22 20.53
CA ALA A 54 2.18 27.43 19.70
C ALA A 54 3.28 27.37 18.64
N ALA A 55 4.47 26.84 18.98
CA ALA A 55 5.59 26.72 18.03
C ALA A 55 5.28 25.68 16.93
N CYS A 56 4.68 24.51 17.31
CA CYS A 56 4.25 23.47 16.34
C CYS A 56 3.22 24.04 15.39
N GLU A 57 2.30 24.87 15.93
CA GLU A 57 1.28 25.53 15.13
C GLU A 57 1.92 26.51 14.19
N LYS A 58 2.82 27.37 14.72
CA LYS A 58 3.54 28.40 13.95
C LYS A 58 4.32 27.79 12.78
N TYR A 59 5.03 26.67 13.03
CA TYR A 59 5.86 26.06 11.99
C TYR A 59 5.22 24.92 11.20
N HIS A 60 3.90 24.75 11.34
CA HIS A 60 3.10 23.75 10.62
C HIS A 60 3.45 22.30 10.89
N TYR A 61 3.68 21.96 12.16
CA TYR A 61 3.94 20.59 12.60
C TYR A 61 2.74 20.04 13.34
N THR A 62 1.93 19.19 12.68
CA THR A 62 0.79 18.52 13.33
C THR A 62 1.35 17.29 14.09
N SER A 63 0.55 16.67 14.99
CA SER A 63 1.00 15.47 15.72
C SER A 63 1.36 14.32 14.78
N ALA A 64 0.76 14.26 13.57
CA ALA A 64 1.09 13.21 12.59
C ALA A 64 2.53 13.31 12.07
N GLN A 65 3.19 14.48 12.27
CA GLN A 65 4.53 14.76 11.73
C GLN A 65 5.62 14.71 12.80
N ILE A 66 5.27 14.40 14.05
CA ILE A 66 6.22 14.45 15.15
C ILE A 66 6.36 13.08 15.75
N LEU A 67 7.61 12.64 15.91
CA LEU A 67 7.89 11.32 16.48
C LEU A 67 8.79 11.42 17.70
N PRO A 68 8.23 11.70 18.90
CA PRO A 68 9.08 11.73 20.10
C PRO A 68 9.65 10.34 20.41
N ALA A 69 10.79 10.31 21.13
CA ALA A 69 11.44 9.06 21.53
C ALA A 69 11.59 9.07 23.04
N ASP A 70 11.66 7.87 23.66
CA ASP A 70 11.79 7.76 25.12
C ASP A 70 13.27 7.76 25.53
N SER A 71 13.55 7.74 26.85
CA SER A 71 14.93 7.74 27.32
C SER A 71 15.70 6.45 27.01
N TYR A 72 17.03 6.51 27.14
CA TYR A 72 17.94 5.38 26.98
C TYR A 72 17.84 4.39 28.14
N LEU A 73 17.28 4.83 29.27
CA LEU A 73 17.25 4.06 30.51
C LEU A 73 16.22 2.94 30.57
N ILE A 74 15.07 3.18 29.95
CA ILE A 74 13.91 2.29 29.97
C ILE A 74 14.20 0.94 29.29
N ASN A 75 13.85 -0.13 29.99
CA ASN A 75 13.95 -1.49 29.48
C ASN A 75 12.63 -2.18 29.78
N LEU A 76 11.70 -2.15 28.81
CA LEU A 76 10.36 -2.72 28.89
C LEU A 76 10.23 -4.27 28.99
N GLY A 77 11.35 -4.98 28.87
CA GLY A 77 11.35 -6.42 29.05
C GLY A 77 12.38 -6.87 30.07
N HIS A 78 12.73 -5.97 31.02
CA HIS A 78 13.74 -6.23 32.05
C HIS A 78 13.45 -7.53 32.81
N PRO A 79 14.45 -8.43 32.98
CA PRO A 79 14.20 -9.69 33.70
C PRO A 79 14.05 -9.53 35.22
N VAL A 80 14.40 -8.35 35.77
CA VAL A 80 14.36 -8.08 37.23
C VAL A 80 13.10 -7.29 37.57
N THR A 81 12.23 -7.86 38.43
CA THR A 81 10.94 -7.29 38.84
C THR A 81 10.97 -5.80 39.16
N GLU A 82 11.93 -5.38 40.02
CA GLU A 82 12.04 -3.98 40.45
C GLU A 82 12.44 -3.05 39.30
N ALA A 83 13.41 -3.48 38.48
CA ALA A 83 13.87 -2.70 37.33
C ALA A 83 12.82 -2.65 36.21
N LEU A 84 12.01 -3.70 36.06
CA LEU A 84 10.91 -3.74 35.09
C LEU A 84 9.85 -2.72 35.47
N GLU A 85 9.47 -2.67 36.78
CA GLU A 85 8.48 -1.74 37.34
C GLU A 85 8.94 -0.28 37.19
N LYS A 86 10.21 0.02 37.49
CA LYS A 86 10.82 1.34 37.33
C LYS A 86 10.76 1.75 35.85
N SER A 87 11.14 0.82 34.93
CA SER A 87 11.08 1.12 33.48
C SER A 87 9.65 1.34 32.99
N ARG A 88 8.68 0.57 33.54
CA ARG A 88 7.25 0.72 33.20
C ARG A 88 6.71 2.08 33.69
N ASP A 89 7.09 2.49 34.91
CA ASP A 89 6.63 3.80 35.47
C ASP A 89 7.15 4.99 34.63
N ALA A 90 8.43 4.93 34.23
CA ALA A 90 9.07 5.94 33.40
C ALA A 90 8.41 5.98 32.00
N PHE A 91 8.12 4.79 31.42
CA PHE A 91 7.48 4.69 30.12
C PHE A 91 6.05 5.29 30.14
N ILE A 92 5.28 5.02 31.20
CA ILE A 92 3.94 5.61 31.44
C ILE A 92 4.11 7.14 31.48
N ASP A 93 5.11 7.64 32.23
CA ASP A 93 5.39 9.09 32.33
C ASP A 93 5.73 9.66 30.92
N GLU A 94 6.52 8.91 30.12
CA GLU A 94 6.88 9.35 28.75
C GLU A 94 5.61 9.47 27.91
N MET A 95 4.73 8.46 27.99
CA MET A 95 3.47 8.49 27.23
C MET A 95 2.53 9.62 27.69
N GLN A 96 2.44 9.86 29.01
CA GLN A 96 1.59 10.94 29.59
C GLN A 96 2.07 12.32 29.10
N ARG A 97 3.40 12.53 29.05
CA ARG A 97 4.02 13.77 28.55
C ARG A 97 3.63 14.00 27.12
N CYS A 98 3.65 12.92 26.29
CA CYS A 98 3.20 12.99 24.89
C CYS A 98 1.75 13.45 24.81
N GLU A 99 0.87 12.77 25.54
CA GLU A 99 -0.54 13.11 25.58
C GLU A 99 -0.73 14.62 25.93
N GLN A 100 -0.07 15.10 27.00
CA GLN A 100 -0.12 16.51 27.45
C GLN A 100 0.33 17.51 26.37
N LEU A 101 1.33 17.13 25.57
CA LEU A 101 1.89 17.98 24.52
C LEU A 101 1.12 17.94 23.23
N GLY A 102 0.05 17.16 23.21
CA GLY A 102 -0.79 16.98 22.04
C GLY A 102 -0.16 16.06 21.00
N LEU A 103 0.81 15.24 21.42
CA LEU A 103 1.53 14.30 20.55
C LEU A 103 0.80 12.95 20.55
N SER A 104 0.86 12.23 19.43
CA SER A 104 0.10 11.00 19.23
C SER A 104 0.94 9.72 19.00
N LEU A 105 2.26 9.85 18.97
CA LEU A 105 3.18 8.72 18.72
C LEU A 105 4.30 8.78 19.72
N LEU A 106 4.83 7.61 20.11
CA LEU A 106 6.02 7.58 20.95
C LEU A 106 6.87 6.43 20.53
N ASN A 107 8.08 6.75 20.04
CA ASN A 107 9.07 5.80 19.58
C ASN A 107 9.91 5.26 20.75
N PHE A 108 10.13 3.94 20.79
CA PHE A 108 10.91 3.30 21.84
C PHE A 108 11.49 1.98 21.32
N HIS A 109 12.59 1.51 21.93
CA HIS A 109 13.22 0.23 21.62
C HIS A 109 12.57 -0.86 22.52
N PRO A 110 12.41 -2.11 22.01
CA PRO A 110 11.70 -3.13 22.79
C PRO A 110 12.21 -3.40 24.21
N GLY A 111 13.49 -3.63 24.33
CA GLY A 111 14.10 -4.02 25.59
C GLY A 111 15.10 -5.16 25.42
N SER A 112 15.72 -5.59 26.53
CA SER A 112 16.79 -6.59 26.56
C SER A 112 16.58 -7.61 27.65
N HIS A 113 16.88 -8.89 27.35
CA HIS A 113 16.66 -9.98 28.33
C HIS A 113 17.81 -10.12 29.34
N LEU A 114 18.96 -9.48 29.04
CA LEU A 114 20.19 -9.45 29.85
C LEU A 114 20.74 -10.85 30.19
N MET A 115 20.48 -11.82 29.29
CA MET A 115 20.88 -13.24 29.41
C MET A 115 20.22 -13.95 30.61
N GLN A 116 19.19 -13.33 31.19
CA GLN A 116 18.50 -13.85 32.36
C GLN A 116 17.19 -14.55 32.08
N ILE A 117 16.51 -14.19 30.97
CA ILE A 117 15.23 -14.79 30.58
C ILE A 117 15.28 -15.14 29.09
N SER A 118 14.38 -16.01 28.64
CA SER A 118 14.28 -16.39 27.24
C SER A 118 13.75 -15.21 26.41
N GLU A 119 13.97 -15.24 25.10
CA GLU A 119 13.47 -14.23 24.18
C GLU A 119 11.93 -14.18 24.22
N GLU A 120 11.25 -15.35 24.29
CA GLU A 120 9.79 -15.37 24.37
C GLU A 120 9.28 -14.66 25.62
N ASP A 121 9.91 -14.96 26.76
CA ASP A 121 9.50 -14.38 28.03
C ASP A 121 9.75 -12.85 28.02
N CYS A 122 10.88 -12.42 27.42
CA CYS A 122 11.22 -10.99 27.30
C CYS A 122 10.18 -10.28 26.45
N LEU A 123 9.88 -10.82 25.26
CA LEU A 123 8.88 -10.25 24.34
C LEU A 123 7.53 -10.13 25.00
N ALA A 124 7.12 -11.15 25.82
CA ALA A 124 5.85 -11.14 26.53
C ALA A 124 5.87 -9.99 27.56
N ARG A 125 7.00 -9.77 28.26
CA ARG A 125 7.12 -8.67 29.24
C ARG A 125 6.93 -7.33 28.52
N ILE A 126 7.54 -7.20 27.33
CA ILE A 126 7.44 -5.98 26.51
C ILE A 126 5.97 -5.69 26.14
N ALA A 127 5.24 -6.70 25.60
CA ALA A 127 3.84 -6.55 25.22
C ALA A 127 2.99 -6.08 26.44
N GLU A 128 3.24 -6.68 27.62
CA GLU A 128 2.50 -6.32 28.83
C GLU A 128 2.83 -4.90 29.29
N SER A 129 4.12 -4.47 29.16
CA SER A 129 4.57 -3.09 29.45
C SER A 129 3.76 -2.11 28.58
N ILE A 130 3.59 -2.45 27.28
CA ILE A 130 2.77 -1.66 26.35
C ILE A 130 1.32 -1.63 26.82
N ASN A 131 0.75 -2.80 27.17
CA ASN A 131 -0.64 -2.89 27.66
C ASN A 131 -0.86 -1.98 28.87
N ILE A 132 0.06 -1.99 29.84
CA ILE A 132 -0.04 -1.17 31.04
C ILE A 132 -0.06 0.33 30.69
N ALA A 133 0.81 0.77 29.76
CA ALA A 133 0.85 2.18 29.34
C ALA A 133 -0.40 2.59 28.53
N LEU A 134 -0.92 1.68 27.68
CA LEU A 134 -2.12 2.03 26.91
C LEU A 134 -3.37 2.07 27.79
N ASP A 135 -3.37 1.31 28.88
CA ASP A 135 -4.48 1.29 29.82
C ASP A 135 -4.49 2.57 30.70
N LYS A 136 -3.31 3.23 30.85
CA LYS A 136 -3.16 4.42 31.68
C LYS A 136 -3.24 5.74 30.91
N THR A 137 -3.11 5.70 29.59
CA THR A 137 -3.06 6.93 28.81
C THR A 137 -4.06 6.84 27.69
N GLN A 138 -4.24 7.95 26.95
CA GLN A 138 -5.13 8.00 25.79
C GLN A 138 -4.46 8.73 24.65
N GLY A 139 -4.84 8.38 23.43
CA GLY A 139 -4.42 9.02 22.18
C GLY A 139 -2.96 8.89 21.75
N VAL A 140 -2.14 8.12 22.49
CA VAL A 140 -0.74 7.94 22.10
C VAL A 140 -0.48 6.48 21.67
N THR A 141 0.06 6.32 20.46
CA THR A 141 0.45 5.01 19.89
C THR A 141 1.85 4.71 20.38
N ALA A 142 2.07 3.49 20.86
CA ALA A 142 3.39 2.96 21.25
C ALA A 142 4.03 2.45 19.94
N VAL A 143 5.08 3.16 19.46
CA VAL A 143 5.76 2.82 18.21
C VAL A 143 7.06 2.08 18.53
N ILE A 144 7.07 0.77 18.25
CA ILE A 144 8.21 -0.10 18.55
C ILE A 144 9.24 0.07 17.45
N GLU A 145 10.47 0.42 17.80
CA GLU A 145 11.50 0.54 16.76
C GLU A 145 12.29 -0.79 16.67
N ASN A 146 12.63 -1.22 15.44
CA ASN A 146 13.52 -2.38 15.27
C ASN A 146 14.93 -2.00 15.74
N THR A 147 15.78 -3.01 16.01
CA THR A 147 17.11 -2.73 16.57
C THR A 147 18.23 -3.43 15.81
N ALA A 148 19.49 -3.03 16.06
CA ALA A 148 20.65 -3.65 15.44
C ALA A 148 20.86 -5.03 16.10
N GLY A 149 20.35 -5.20 17.31
CA GLY A 149 20.50 -6.45 18.05
C GLY A 149 21.84 -6.59 18.75
N GLN A 150 22.32 -5.46 19.35
CA GLN A 150 23.55 -5.45 20.16
C GLN A 150 23.23 -6.21 21.46
N GLY A 151 24.23 -6.82 22.05
CA GLY A 151 24.07 -7.52 23.31
C GLY A 151 22.88 -8.45 23.32
N SER A 152 22.02 -8.30 24.33
CA SER A 152 20.81 -9.08 24.52
C SER A 152 19.56 -8.29 24.06
N ASN A 153 19.76 -7.24 23.26
CA ASN A 153 18.59 -6.44 22.79
C ASN A 153 17.76 -7.23 21.83
N LEU A 154 16.44 -7.13 21.96
CA LEU A 154 15.49 -7.76 21.05
C LEU A 154 14.96 -6.68 20.07
N GLY A 155 14.16 -7.09 19.09
CA GLY A 155 13.64 -6.19 18.05
C GLY A 155 14.50 -6.17 16.81
N PHE A 156 15.51 -7.06 16.72
CA PHE A 156 16.38 -7.12 15.53
C PHE A 156 15.76 -7.93 14.38
N LYS A 157 14.78 -8.80 14.69
CA LYS A 157 14.05 -9.54 13.64
C LYS A 157 12.66 -8.96 13.55
N PHE A 158 12.07 -8.87 12.35
CA PHE A 158 10.68 -8.40 12.23
C PHE A 158 9.72 -9.30 13.05
N GLU A 159 10.04 -10.63 13.16
CA GLU A 159 9.26 -11.59 13.96
C GLU A 159 9.09 -11.12 15.44
N HIS A 160 10.14 -10.46 16.01
CA HIS A 160 10.11 -9.95 17.39
C HIS A 160 9.00 -8.89 17.48
N LEU A 161 8.93 -7.97 16.50
CA LEU A 161 7.96 -6.87 16.44
C LEU A 161 6.55 -7.46 16.31
N ALA A 162 6.37 -8.46 15.43
CA ALA A 162 5.07 -9.09 15.26
C ALA A 162 4.65 -9.83 16.54
N ALA A 163 5.60 -10.43 17.30
CA ALA A 163 5.27 -11.18 18.53
C ALA A 163 4.81 -10.24 19.64
N ILE A 164 5.43 -9.05 19.70
CA ILE A 164 5.04 -8.04 20.69
C ILE A 164 3.63 -7.53 20.33
N ILE A 165 3.41 -7.19 19.04
CA ILE A 165 2.11 -6.69 18.61
C ILE A 165 0.99 -7.70 18.93
N ASP A 166 1.27 -9.00 18.70
CA ASP A 166 0.31 -10.06 18.98
C ASP A 166 -0.11 -10.06 20.47
N GLY A 167 0.79 -9.67 21.37
CA GLY A 167 0.49 -9.60 22.80
C GLY A 167 -0.16 -8.30 23.26
N VAL A 168 -0.32 -7.35 22.33
CA VAL A 168 -0.92 -6.04 22.65
C VAL A 168 -2.45 -6.10 22.42
N GLU A 169 -3.25 -5.76 23.45
CA GLU A 169 -4.72 -5.75 23.39
C GLU A 169 -5.27 -4.74 22.42
N ASP A 170 -4.91 -3.46 22.59
CA ASP A 170 -5.44 -2.44 21.72
C ASP A 170 -4.50 -2.22 20.52
N LYS A 171 -4.81 -2.92 19.39
CA LYS A 171 -4.01 -2.87 18.16
C LYS A 171 -4.04 -1.51 17.51
N SER A 172 -5.02 -0.64 17.89
CA SER A 172 -5.12 0.70 17.30
C SER A 172 -4.08 1.63 17.87
N ARG A 173 -3.40 1.22 18.95
CA ARG A 173 -2.37 2.06 19.58
C ARG A 173 -1.00 1.41 19.69
N VAL A 174 -0.72 0.46 18.80
CA VAL A 174 0.61 -0.10 18.70
C VAL A 174 1.02 0.04 17.22
N GLY A 175 2.30 0.29 17.01
CA GLY A 175 2.84 0.41 15.66
C GLY A 175 4.33 0.15 15.66
N VAL A 176 4.98 0.34 14.51
CA VAL A 176 6.43 0.13 14.44
C VAL A 176 7.12 1.27 13.72
N CYS A 177 8.40 1.41 13.95
CA CYS A 177 9.25 2.34 13.21
C CYS A 177 10.43 1.51 12.69
N ILE A 178 10.75 1.63 11.41
CA ILE A 178 11.90 0.91 10.85
C ILE A 178 13.08 1.85 10.68
N ASP A 179 14.19 1.51 11.35
CA ASP A 179 15.43 2.27 11.29
C ASP A 179 16.32 1.50 10.31
N THR A 180 16.73 2.18 9.23
CA THR A 180 17.52 1.55 8.16
C THR A 180 18.89 1.05 8.64
N CYS A 181 19.55 1.81 9.53
CA CYS A 181 20.84 1.37 10.08
C CYS A 181 20.62 0.09 10.89
N HIS A 182 19.58 0.08 11.73
CA HIS A 182 19.27 -1.08 12.56
C HIS A 182 18.94 -2.32 11.71
N ALA A 183 18.12 -2.16 10.65
CA ALA A 183 17.75 -3.26 9.76
C ALA A 183 19.02 -3.83 9.10
N PHE A 184 19.86 -2.96 8.56
CA PHE A 184 21.11 -3.36 7.89
C PHE A 184 22.09 -4.11 8.83
N ALA A 185 22.32 -3.58 10.03
CA ALA A 185 23.20 -4.19 11.06
C ALA A 185 22.63 -5.54 11.49
N ALA A 186 21.30 -5.70 11.46
CA ALA A 186 20.60 -6.93 11.84
C ALA A 186 20.62 -8.00 10.76
N GLY A 187 21.06 -7.63 9.55
CA GLY A 187 21.11 -8.58 8.43
C GLY A 187 20.04 -8.43 7.36
N TYR A 188 19.30 -7.32 7.38
CA TYR A 188 18.30 -7.10 6.31
C TYR A 188 18.99 -6.15 5.33
N ASP A 189 19.38 -6.64 4.15
CA ASP A 189 20.14 -5.81 3.20
C ASP A 189 19.33 -4.73 2.53
N LEU A 190 19.99 -3.63 2.17
CA LEU A 190 19.38 -2.42 1.60
C LEU A 190 20.30 -1.79 0.55
N ARG A 191 21.36 -2.50 0.14
CA ARG A 191 22.38 -1.93 -0.76
C ARG A 191 21.99 -1.83 -2.20
N THR A 192 20.93 -2.54 -2.60
CA THR A 192 20.41 -2.50 -3.96
C THR A 192 18.89 -2.36 -3.91
N PRO A 193 18.24 -1.85 -5.01
CA PRO A 193 16.76 -1.80 -5.05
C PRO A 193 16.16 -3.21 -4.82
N ALA A 194 16.76 -4.27 -5.41
CA ALA A 194 16.26 -5.65 -5.20
C ALA A 194 16.29 -6.06 -3.73
N GLU A 195 17.37 -5.67 -3.02
CA GLU A 195 17.49 -5.99 -1.59
C GLU A 195 16.45 -5.24 -0.75
N CYS A 196 16.27 -3.94 -1.05
CA CYS A 196 15.29 -3.09 -0.37
C CYS A 196 13.91 -3.72 -0.54
N GLU A 197 13.59 -4.08 -1.80
CA GLU A 197 12.31 -4.70 -2.10
C GLU A 197 12.08 -5.99 -1.32
N LYS A 198 13.12 -6.85 -1.24
CA LYS A 198 13.03 -8.11 -0.49
C LYS A 198 12.86 -7.82 1.01
N THR A 199 13.67 -6.91 1.56
CA THR A 199 13.56 -6.58 3.02
C THR A 199 12.14 -6.12 3.38
N PHE A 200 11.57 -5.20 2.57
CA PHE A 200 10.21 -4.65 2.84
C PHE A 200 9.06 -5.59 2.49
N ALA A 201 9.31 -6.56 1.58
CA ALA A 201 8.33 -7.59 1.23
C ALA A 201 8.20 -8.53 2.46
N ASP A 202 9.33 -8.88 3.10
CA ASP A 202 9.36 -9.71 4.32
C ASP A 202 8.70 -8.91 5.45
N PHE A 203 8.99 -7.62 5.53
CA PHE A 203 8.34 -6.76 6.54
C PHE A 203 6.80 -6.77 6.36
N ALA A 204 6.31 -6.60 5.10
CA ALA A 204 4.85 -6.60 4.82
C ALA A 204 4.18 -7.93 5.27
N ARG A 205 4.84 -9.07 5.05
CA ARG A 205 4.30 -10.39 5.42
C ARG A 205 4.33 -10.64 6.92
N THR A 206 5.43 -10.28 7.56
CA THR A 206 5.64 -10.54 8.97
C THR A 206 4.92 -9.56 9.90
N VAL A 207 5.05 -8.27 9.64
CA VAL A 207 4.48 -7.22 10.49
C VAL A 207 3.27 -6.58 9.85
N GLY A 208 3.45 -6.08 8.62
CA GLY A 208 2.42 -5.39 7.86
C GLY A 208 2.59 -3.89 7.85
N PHE A 209 2.44 -3.25 6.68
CA PHE A 209 2.52 -1.79 6.58
C PHE A 209 1.38 -1.09 7.34
N LYS A 210 0.31 -1.81 7.70
CA LYS A 210 -0.80 -1.20 8.47
C LYS A 210 -0.31 -0.72 9.86
N TYR A 211 0.84 -1.24 10.33
CA TYR A 211 1.46 -0.84 11.60
C TYR A 211 2.62 0.15 11.45
N LEU A 212 3.06 0.42 10.24
CA LEU A 212 4.22 1.31 10.11
C LEU A 212 3.85 2.77 10.43
N ARG A 213 4.45 3.30 11.49
CA ARG A 213 4.15 4.66 11.97
C ARG A 213 5.26 5.69 11.76
N GLY A 214 6.43 5.23 11.33
CA GLY A 214 7.56 6.12 11.13
C GLY A 214 8.77 5.38 10.59
N MET A 215 9.78 6.13 10.15
CA MET A 215 11.06 5.57 9.69
C MET A 215 12.17 6.39 10.29
N HIS A 216 13.32 5.72 10.52
CA HIS A 216 14.53 6.39 10.90
C HIS A 216 15.49 6.18 9.74
N LEU A 217 15.90 7.29 9.08
CA LEU A 217 16.74 7.24 7.89
C LEU A 217 18.17 7.48 8.28
N ASN A 218 18.91 6.38 8.45
CA ASN A 218 20.32 6.45 8.87
C ASN A 218 21.18 5.61 7.97
N ASP A 219 22.32 6.15 7.54
CA ASP A 219 23.28 5.30 6.86
C ASP A 219 23.98 4.52 8.02
N ALA A 220 24.89 3.62 7.71
CA ALA A 220 25.54 2.82 8.74
C ALA A 220 27.05 2.93 8.72
N LYS A 221 27.66 3.19 9.88
CA LYS A 221 29.11 3.17 10.06
C LYS A 221 29.52 1.71 10.21
N SER A 222 28.64 0.90 10.83
CA SER A 222 28.86 -0.54 10.98
C SER A 222 28.59 -1.29 9.66
N THR A 223 28.99 -2.57 9.59
CA THR A 223 28.84 -3.38 8.39
C THR A 223 27.58 -4.21 8.41
N PHE A 224 27.24 -4.74 7.26
CA PHE A 224 26.09 -5.61 7.05
C PHE A 224 26.13 -6.87 7.94
N GLY A 225 25.07 -7.06 8.70
CA GLY A 225 24.96 -8.20 9.62
C GLY A 225 25.85 -8.11 10.83
N SER A 226 26.51 -6.95 11.07
CA SER A 226 27.45 -6.71 12.20
C SER A 226 26.80 -6.78 13.58
N ARG A 227 25.47 -6.51 13.67
CA ARG A 227 24.73 -6.44 14.93
C ARG A 227 25.31 -5.31 15.81
N VAL A 228 25.83 -4.26 15.15
CA VAL A 228 26.43 -3.10 15.80
C VAL A 228 25.64 -1.84 15.39
N ASP A 229 25.18 -1.09 16.37
CA ASP A 229 24.37 0.12 16.16
C ASP A 229 25.24 1.37 16.07
N ARG A 230 25.73 1.68 14.85
CA ARG A 230 26.57 2.86 14.62
C ARG A 230 26.11 3.54 13.35
N HIS A 231 25.46 4.68 13.52
CA HIS A 231 24.87 5.43 12.40
C HIS A 231 25.92 6.19 11.65
N HIS A 232 25.56 6.66 10.43
CA HIS A 232 26.42 7.54 9.69
C HIS A 232 25.54 8.51 8.91
N SER A 233 26.14 9.59 8.42
CA SER A 233 25.49 10.56 7.55
C SER A 233 25.11 9.82 6.26
N LEU A 234 24.01 10.19 5.61
CA LEU A 234 23.54 9.58 4.36
C LEU A 234 24.61 9.64 3.28
N GLY A 235 24.85 8.50 2.63
CA GLY A 235 25.84 8.36 1.57
C GLY A 235 27.27 8.20 2.04
N GLU A 236 27.54 8.37 3.33
CA GLU A 236 28.88 8.26 3.89
C GLU A 236 29.20 6.91 4.53
N GLY A 237 28.18 6.09 4.74
CA GLY A 237 28.36 4.80 5.35
C GLY A 237 28.26 3.61 4.42
N ASN A 238 28.01 2.43 5.00
CA ASN A 238 27.95 1.16 4.29
C ASN A 238 26.68 0.84 3.50
N ILE A 239 25.58 1.60 3.74
CA ILE A 239 24.33 1.37 2.98
C ILE A 239 24.41 2.16 1.65
N GLY A 240 24.88 3.40 1.71
CA GLY A 240 24.96 4.27 0.54
C GLY A 240 23.67 5.01 0.27
N HIS A 241 23.69 5.94 -0.72
CA HIS A 241 22.54 6.78 -1.06
CA HIS A 241 22.55 6.79 -1.09
C HIS A 241 21.38 6.04 -1.72
N ASP A 242 21.65 4.92 -2.45
CA ASP A 242 20.58 4.21 -3.16
C ASP A 242 19.35 3.81 -2.38
N ALA A 243 19.52 3.23 -1.19
CA ALA A 243 18.39 2.82 -0.35
C ALA A 243 17.48 4.02 -0.02
N PHE A 244 18.06 5.21 0.25
CA PHE A 244 17.30 6.39 0.62
C PHE A 244 16.52 6.96 -0.54
N ARG A 245 17.09 6.86 -1.74
CA ARG A 245 16.40 7.28 -2.96
C ARG A 245 15.18 6.35 -3.14
N TRP A 246 15.41 5.02 -3.05
CA TRP A 246 14.40 3.98 -3.17
C TRP A 246 13.19 4.21 -2.21
N ILE A 247 13.49 4.46 -0.92
CA ILE A 247 12.46 4.74 0.10
C ILE A 247 11.64 5.99 -0.29
N MET A 248 12.34 7.07 -0.66
CA MET A 248 11.66 8.32 -1.05
C MET A 248 10.69 8.17 -2.20
N GLN A 249 10.97 7.22 -3.13
CA GLN A 249 10.17 7.00 -4.32
C GLN A 249 9.09 5.89 -4.14
N ASP A 250 8.94 5.37 -2.92
CA ASP A 250 8.02 4.27 -2.65
C ASP A 250 6.87 4.82 -1.83
N ASP A 251 5.64 4.78 -2.36
CA ASP A 251 4.46 5.36 -1.70
C ASP A 251 4.01 4.71 -0.39
N ARG A 252 4.57 3.54 -0.03
CA ARG A 252 4.22 2.89 1.24
C ARG A 252 4.78 3.69 2.43
N PHE A 253 5.75 4.59 2.17
CA PHE A 253 6.38 5.42 3.20
C PHE A 253 5.76 6.82 3.28
N ASP A 254 4.60 7.03 2.63
CA ASP A 254 3.88 8.31 2.64
C ASP A 254 3.16 8.53 3.97
N GLY A 255 2.97 9.80 4.29
CA GLY A 255 2.18 10.26 5.43
C GLY A 255 2.67 9.95 6.82
N ILE A 256 3.99 9.68 6.97
CA ILE A 256 4.60 9.32 8.26
C ILE A 256 5.89 10.10 8.48
N PRO A 257 6.31 10.32 9.76
CA PRO A 257 7.60 11.00 9.99
C PRO A 257 8.77 10.12 9.52
N LEU A 258 9.62 10.68 8.62
CA LEU A 258 10.86 10.06 8.11
C LEU A 258 11.98 10.86 8.78
N ILE A 259 12.61 10.22 9.77
CA ILE A 259 13.53 10.88 10.68
C ILE A 259 14.98 10.55 10.47
N LEU A 260 15.79 11.58 10.24
CA LEU A 260 17.25 11.40 10.21
C LEU A 260 17.78 11.35 11.65
N GLU A 261 18.65 10.38 11.96
CA GLU A 261 19.35 10.33 13.26
C GLU A 261 20.84 10.22 12.89
N THR A 262 21.19 10.89 11.77
CA THR A 262 22.53 10.95 11.22
C THR A 262 23.50 11.71 12.13
N ILE A 263 24.77 11.39 12.03
CA ILE A 263 25.79 11.87 12.98
C ILE A 263 26.36 13.26 12.78
N ASN A 264 25.99 13.92 11.67
CA ASN A 264 26.47 15.26 11.38
C ASN A 264 25.32 16.24 11.20
N PRO A 265 24.84 16.85 12.30
CA PRO A 265 23.71 17.81 12.21
C PRO A 265 23.97 19.02 11.32
N ASP A 266 25.26 19.36 11.07
CA ASP A 266 25.67 20.49 10.21
C ASP A 266 25.17 20.31 8.79
N ILE A 267 24.95 19.04 8.36
CA ILE A 267 24.50 18.75 7.00
C ILE A 267 23.04 18.19 6.95
N TRP A 268 22.32 18.23 8.07
CA TRP A 268 20.90 17.79 8.07
C TRP A 268 20.06 18.53 7.01
N ALA A 269 20.26 19.86 6.87
CA ALA A 269 19.48 20.61 5.85
C ALA A 269 19.76 20.11 4.42
N GLU A 270 20.99 19.67 4.15
CA GLU A 270 21.34 19.14 2.81
C GLU A 270 20.74 17.74 2.64
N GLU A 271 20.81 16.93 3.70
CA GLU A 271 20.20 15.57 3.68
C GLU A 271 18.68 15.69 3.40
N ILE A 272 18.00 16.64 4.09
CA ILE A 272 16.56 16.84 3.89
C ILE A 272 16.27 17.31 2.46
N ALA A 273 17.04 18.30 1.94
CA ALA A 273 16.85 18.82 0.58
C ALA A 273 17.07 17.70 -0.45
N TRP A 274 18.09 16.87 -0.23
CA TRP A 274 18.40 15.75 -1.15
C TRP A 274 17.27 14.71 -1.12
N LEU A 275 16.79 14.37 0.09
CA LEU A 275 15.70 13.39 0.25
C LEU A 275 14.44 13.91 -0.45
N LYS A 276 14.08 15.20 -0.25
CA LYS A 276 12.90 15.77 -0.93
C LYS A 276 13.06 15.68 -2.45
N ALA A 277 14.25 16.00 -2.97
CA ALA A 277 14.57 15.96 -4.40
C ALA A 277 14.41 14.56 -5.00
N GLN A 278 14.61 13.50 -4.19
CA GLN A 278 14.51 12.14 -4.72
C GLN A 278 13.12 11.73 -5.26
N GLN A 279 12.06 12.36 -4.76
CA GLN A 279 10.67 12.13 -5.17
C GLN A 279 10.39 12.56 -6.62
N THR A 280 11.24 13.40 -7.21
CA THR A 280 11.08 13.83 -8.61
C THR A 280 12.31 13.53 -9.48
N GLU A 281 13.17 12.60 -9.04
CA GLU A 281 14.38 12.20 -9.77
C GLU A 281 14.22 10.79 -10.34
N LYS A 282 15.09 10.37 -11.29
CA LYS A 282 15.07 9.02 -11.88
C LYS A 282 15.24 7.91 -10.84
N ALA A 283 14.67 6.71 -11.12
CA ALA A 283 14.69 5.52 -10.25
C ALA A 283 16.09 5.09 -9.81
N MET B 1 -23.02 -21.49 -12.10
CA MET B 1 -23.75 -20.22 -12.17
C MET B 1 -22.86 -19.19 -12.86
N LYS B 2 -23.45 -18.41 -13.77
CA LYS B 2 -22.75 -17.31 -14.44
C LYS B 2 -23.41 -16.01 -14.06
N TYR B 3 -22.59 -14.98 -13.83
CA TYR B 3 -23.05 -13.63 -13.45
C TYR B 3 -22.81 -12.76 -14.68
N ILE B 4 -23.88 -12.14 -15.24
CA ILE B 4 -23.86 -11.41 -16.51
C ILE B 4 -24.38 -10.00 -16.34
N GLY B 5 -23.62 -9.05 -16.81
CA GLY B 5 -24.02 -7.66 -16.70
C GLY B 5 -23.28 -6.77 -17.66
N ALA B 6 -23.18 -5.50 -17.29
CA ALA B 6 -22.56 -4.46 -18.11
C ALA B 6 -21.89 -3.42 -17.19
N HIS B 7 -21.04 -2.56 -17.75
CA HIS B 7 -20.43 -1.47 -17.03
C HIS B 7 -21.43 -0.31 -17.14
N VAL B 8 -22.23 -0.16 -16.11
CA VAL B 8 -23.28 0.87 -16.03
C VAL B 8 -22.75 2.22 -15.54
N SER B 9 -23.47 3.30 -15.87
CA SER B 9 -23.16 4.67 -15.41
C SER B 9 -23.40 4.78 -13.91
N ALA B 10 -22.52 5.55 -13.23
CA ALA B 10 -22.67 5.82 -11.79
C ALA B 10 -23.23 7.24 -11.56
N ALA B 11 -23.67 7.91 -12.65
CA ALA B 11 -24.32 9.25 -12.64
C ALA B 11 -25.48 9.29 -11.62
N GLY B 12 -25.46 10.29 -10.73
CA GLY B 12 -26.45 10.49 -9.68
C GLY B 12 -26.20 9.68 -8.41
N GLY B 13 -25.02 9.07 -8.32
CA GLY B 13 -24.64 8.28 -7.15
C GLY B 13 -24.35 6.82 -7.44
N LEU B 14 -23.48 6.23 -6.63
CA LEU B 14 -23.06 4.83 -6.74
C LEU B 14 -24.20 3.81 -6.64
N ALA B 15 -25.22 4.07 -5.77
CA ALA B 15 -26.39 3.18 -5.60
C ALA B 15 -27.15 3.04 -6.92
N ASN B 16 -27.11 4.09 -7.76
CA ASN B 16 -27.76 4.10 -9.05
C ASN B 16 -27.22 3.05 -10.00
N ALA B 17 -25.93 2.65 -9.81
CA ALA B 17 -25.34 1.64 -10.69
C ALA B 17 -26.03 0.32 -10.43
N ALA B 18 -26.31 -0.01 -9.16
CA ALA B 18 -27.03 -1.23 -8.80
C ALA B 18 -28.49 -1.19 -9.32
N ILE B 19 -29.12 0.03 -9.38
CA ILE B 19 -30.50 0.23 -9.88
C ILE B 19 -30.52 0.02 -11.38
N ARG B 20 -29.63 0.72 -12.13
CA ARG B 20 -29.46 0.59 -13.59
C ARG B 20 -29.16 -0.87 -14.01
N ALA B 21 -28.31 -1.57 -13.23
CA ALA B 21 -28.00 -2.99 -13.45
C ALA B 21 -29.27 -3.83 -13.29
N ALA B 22 -30.08 -3.55 -12.24
CA ALA B 22 -31.32 -4.33 -12.01
C ALA B 22 -32.33 -4.11 -13.11
N GLU B 23 -32.37 -2.88 -13.66
CA GLU B 23 -33.27 -2.49 -14.76
C GLU B 23 -33.00 -3.22 -16.07
N ILE B 24 -31.77 -3.76 -16.30
CA ILE B 24 -31.46 -4.51 -17.53
C ILE B 24 -31.41 -6.01 -17.23
N ASP B 25 -31.89 -6.38 -16.03
CA ASP B 25 -31.91 -7.73 -15.46
C ASP B 25 -30.48 -8.32 -15.42
N ALA B 26 -29.49 -7.48 -15.06
CA ALA B 26 -28.11 -7.95 -14.94
C ALA B 26 -27.95 -8.76 -13.67
N THR B 27 -27.07 -9.77 -13.69
CA THR B 27 -26.77 -10.56 -12.47
C THR B 27 -25.33 -10.24 -11.99
N ALA B 28 -24.74 -9.23 -12.59
CA ALA B 28 -23.42 -8.67 -12.31
C ALA B 28 -23.40 -7.27 -12.84
N PHE B 29 -22.47 -6.43 -12.36
CA PHE B 29 -22.25 -5.10 -12.91
C PHE B 29 -20.82 -4.58 -12.64
N ALA B 30 -20.38 -3.61 -13.43
CA ALA B 30 -19.09 -2.93 -13.28
C ALA B 30 -19.44 -1.45 -13.17
N LEU B 31 -18.53 -0.66 -12.57
CA LEU B 31 -18.76 0.77 -12.43
C LEU B 31 -17.41 1.43 -12.11
N PHE B 32 -17.36 2.76 -12.23
CA PHE B 32 -16.25 3.58 -11.80
C PHE B 32 -16.74 4.11 -10.42
N THR B 33 -15.92 3.96 -9.34
CA THR B 33 -16.31 4.42 -7.99
C THR B 33 -16.17 5.95 -7.85
N LYS B 34 -15.49 6.58 -8.80
CA LYS B 34 -15.23 8.01 -8.87
C LYS B 34 -15.02 8.29 -10.33
N ASN B 35 -15.02 9.56 -10.74
CA ASN B 35 -14.88 9.90 -12.16
C ASN B 35 -13.63 9.36 -12.84
N GLN B 36 -13.85 8.71 -14.00
CA GLN B 36 -12.84 8.04 -14.84
C GLN B 36 -11.80 8.96 -15.47
N ARG B 37 -12.10 10.25 -15.59
CA ARG B 37 -11.19 11.20 -16.26
C ARG B 37 -10.65 12.26 -15.27
N GLN B 38 -10.78 12.04 -13.96
CA GLN B 38 -10.27 12.97 -12.96
C GLN B 38 -9.38 12.25 -11.98
N TRP B 39 -8.35 12.95 -11.49
CA TRP B 39 -7.37 12.38 -10.58
C TRP B 39 -7.91 12.11 -9.18
N ARG B 40 -8.71 13.04 -8.67
CA ARG B 40 -9.24 12.99 -7.31
C ARG B 40 -10.76 13.22 -7.24
N ALA B 41 -11.35 12.76 -6.14
CA ALA B 41 -12.76 12.91 -5.79
C ALA B 41 -12.82 13.08 -4.28
N ALA B 42 -13.94 13.63 -3.79
CA ALA B 42 -14.16 13.84 -2.36
C ALA B 42 -14.19 12.46 -1.68
N PRO B 43 -13.72 12.33 -0.42
CA PRO B 43 -13.82 11.01 0.23
C PRO B 43 -15.28 10.53 0.29
N LEU B 44 -15.49 9.21 0.24
CA LEU B 44 -16.83 8.64 0.28
C LEU B 44 -17.51 8.97 1.61
N THR B 45 -18.77 9.39 1.53
CA THR B 45 -19.60 9.74 2.68
C THR B 45 -20.27 8.49 3.21
N THR B 46 -20.67 8.50 4.50
CA THR B 46 -21.37 7.39 5.13
C THR B 46 -22.71 7.15 4.42
N GLN B 47 -23.30 8.22 3.84
CA GLN B 47 -24.54 8.17 3.10
C GLN B 47 -24.36 7.35 1.84
N THR B 48 -23.29 7.63 1.05
CA THR B 48 -22.97 6.88 -0.17
C THR B 48 -22.67 5.41 0.16
N ILE B 49 -21.80 5.16 1.14
CA ILE B 49 -21.46 3.80 1.56
C ILE B 49 -22.71 2.99 1.98
N ASP B 50 -23.48 3.48 2.98
CA ASP B 50 -24.69 2.82 3.47
C ASP B 50 -25.74 2.62 2.39
N GLU B 51 -25.92 3.62 1.48
CA GLU B 51 -26.88 3.51 0.39
C GLU B 51 -26.46 2.42 -0.59
N PHE B 52 -25.20 2.55 -1.15
CA PHE B 52 -24.65 1.61 -2.13
C PHE B 52 -24.77 0.19 -1.61
N LYS B 53 -24.32 -0.05 -0.36
CA LYS B 53 -24.39 -1.38 0.27
C LYS B 53 -25.86 -1.88 0.38
N ALA B 54 -26.79 -1.00 0.85
CA ALA B 54 -28.21 -1.38 0.99
C ALA B 54 -28.86 -1.66 -0.37
N ALA B 55 -28.53 -0.84 -1.40
CA ALA B 55 -29.02 -1.00 -2.78
C ALA B 55 -28.49 -2.31 -3.45
N CYS B 56 -27.25 -2.74 -3.08
CA CYS B 56 -26.63 -3.96 -3.57
C CYS B 56 -27.33 -5.16 -2.94
N GLU B 57 -27.64 -5.07 -1.62
CA GLU B 57 -28.36 -6.15 -0.93
C GLU B 57 -29.79 -6.25 -1.50
N LYS B 58 -30.42 -5.09 -1.77
CA LYS B 58 -31.76 -4.95 -2.32
C LYS B 58 -31.88 -5.67 -3.67
N TYR B 59 -30.94 -5.40 -4.60
CA TYR B 59 -30.92 -5.99 -5.95
C TYR B 59 -30.10 -7.26 -6.10
N HIS B 60 -29.69 -7.84 -4.96
CA HIS B 60 -28.97 -9.11 -4.86
C HIS B 60 -27.61 -9.15 -5.59
N TYR B 61 -26.82 -8.11 -5.40
CA TYR B 61 -25.46 -8.06 -5.95
C TYR B 61 -24.47 -8.21 -4.80
N THR B 62 -23.85 -9.37 -4.67
CA THR B 62 -22.82 -9.60 -3.64
C THR B 62 -21.50 -9.06 -4.23
N SER B 63 -20.46 -8.85 -3.41
CA SER B 63 -19.17 -8.36 -3.89
C SER B 63 -18.60 -9.29 -4.97
N ALA B 64 -18.97 -10.59 -4.96
CA ALA B 64 -18.52 -11.56 -5.96
C ALA B 64 -19.08 -11.27 -7.36
N GLN B 65 -20.12 -10.43 -7.45
CA GLN B 65 -20.81 -10.12 -8.72
C GLN B 65 -20.48 -8.72 -9.25
N ILE B 66 -19.59 -7.99 -8.58
CA ILE B 66 -19.33 -6.60 -8.94
C ILE B 66 -17.87 -6.41 -9.29
N LEU B 67 -17.62 -5.80 -10.44
CA LEU B 67 -16.26 -5.57 -10.93
C LEU B 67 -15.97 -4.08 -11.20
N PRO B 68 -15.67 -3.28 -10.16
CA PRO B 68 -15.33 -1.89 -10.41
C PRO B 68 -14.07 -1.78 -11.24
N ALA B 69 -13.90 -0.65 -11.93
CA ALA B 69 -12.72 -0.35 -12.72
C ALA B 69 -12.11 0.99 -12.29
N ASP B 70 -10.78 1.13 -12.49
CA ASP B 70 -10.09 2.36 -12.13
C ASP B 70 -10.16 3.38 -13.27
N SER B 71 -9.64 4.60 -13.05
CA SER B 71 -9.65 5.66 -14.04
C SER B 71 -8.77 5.38 -15.28
N TYR B 72 -9.00 6.15 -16.36
CA TYR B 72 -8.19 6.07 -17.58
C TYR B 72 -6.81 6.70 -17.37
N LEU B 73 -6.62 7.50 -16.31
CA LEU B 73 -5.39 8.29 -16.10
C LEU B 73 -4.20 7.52 -15.53
N ILE B 74 -4.49 6.53 -14.66
CA ILE B 74 -3.50 5.71 -13.96
C ILE B 74 -2.61 4.90 -14.92
N ASN B 75 -1.26 5.05 -14.77
CA ASN B 75 -0.26 4.30 -15.52
C ASN B 75 0.66 3.69 -14.47
N LEU B 76 0.43 2.40 -14.11
CA LEU B 76 1.19 1.71 -13.06
C LEU B 76 2.60 1.28 -13.47
N GLY B 77 2.94 1.49 -14.73
CA GLY B 77 4.27 1.21 -15.27
C GLY B 77 4.93 2.46 -15.80
N HIS B 78 4.46 3.64 -15.37
CA HIS B 78 4.97 4.94 -15.86
C HIS B 78 6.50 5.06 -15.72
N PRO B 79 7.19 5.49 -16.80
CA PRO B 79 8.65 5.62 -16.72
C PRO B 79 9.17 6.83 -15.92
N VAL B 80 8.31 7.83 -15.65
CA VAL B 80 8.72 9.05 -14.93
C VAL B 80 8.35 8.91 -13.46
N THR B 81 9.35 9.05 -12.54
CA THR B 81 9.13 8.88 -11.10
C THR B 81 7.90 9.59 -10.55
N GLU B 82 7.82 10.92 -10.75
CA GLU B 82 6.70 11.72 -10.24
C GLU B 82 5.34 11.21 -10.75
N ALA B 83 5.25 10.87 -12.04
CA ALA B 83 3.99 10.40 -12.63
C ALA B 83 3.65 8.98 -12.14
N LEU B 84 4.67 8.13 -11.94
CA LEU B 84 4.49 6.80 -11.37
C LEU B 84 3.94 6.91 -9.93
N GLU B 85 4.48 7.86 -9.13
CA GLU B 85 3.99 8.07 -7.76
C GLU B 85 2.54 8.58 -7.76
N LYS B 86 2.22 9.49 -8.69
CA LYS B 86 0.85 10.01 -8.82
C LYS B 86 -0.14 8.87 -9.11
N SER B 87 0.24 7.98 -10.05
CA SER B 87 -0.57 6.84 -10.47
C SER B 87 -0.75 5.85 -9.34
N ARG B 88 0.35 5.54 -8.60
CA ARG B 88 0.32 4.62 -7.48
C ARG B 88 -0.56 5.13 -6.35
N ASP B 89 -0.48 6.43 -6.02
CA ASP B 89 -1.33 7.00 -4.96
C ASP B 89 -2.80 7.04 -5.37
N ALA B 90 -3.08 7.30 -6.66
CA ALA B 90 -4.47 7.29 -7.18
C ALA B 90 -4.99 5.85 -7.15
N PHE B 91 -4.14 4.85 -7.47
CA PHE B 91 -4.53 3.44 -7.45
C PHE B 91 -4.78 2.97 -6.02
N ILE B 92 -3.96 3.41 -5.07
CA ILE B 92 -4.18 3.09 -3.65
C ILE B 92 -5.58 3.59 -3.25
N ASP B 93 -5.89 4.85 -3.63
CA ASP B 93 -7.19 5.50 -3.34
C ASP B 93 -8.36 4.70 -3.93
N GLU B 94 -8.24 4.27 -5.21
CA GLU B 94 -9.24 3.44 -5.91
C GLU B 94 -9.51 2.16 -5.13
N MET B 95 -8.43 1.47 -4.68
CA MET B 95 -8.56 0.24 -3.89
C MET B 95 -9.20 0.50 -2.52
N GLN B 96 -8.85 1.63 -1.85
CA GLN B 96 -9.41 2.01 -0.54
C GLN B 96 -10.92 2.27 -0.72
N ARG B 97 -11.31 2.94 -1.81
CA ARG B 97 -12.73 3.20 -2.11
C ARG B 97 -13.48 1.88 -2.25
N CYS B 98 -12.86 0.86 -2.90
CA CYS B 98 -13.46 -0.46 -3.02
C CYS B 98 -13.68 -1.10 -1.66
N GLU B 99 -12.65 -1.12 -0.75
CA GLU B 99 -12.86 -1.74 0.58
C GLU B 99 -13.95 -1.04 1.40
N GLN B 100 -14.08 0.26 1.20
CA GLN B 100 -15.05 1.11 1.88
C GLN B 100 -16.48 0.79 1.45
N LEU B 101 -16.67 0.38 0.17
CA LEU B 101 -17.96 0.01 -0.41
C LEU B 101 -18.29 -1.46 -0.26
N GLY B 102 -17.41 -2.19 0.39
CA GLY B 102 -17.56 -3.61 0.63
C GLY B 102 -17.27 -4.43 -0.62
N LEU B 103 -16.53 -3.83 -1.59
CA LEU B 103 -16.13 -4.43 -2.86
C LEU B 103 -14.83 -5.21 -2.71
N SER B 104 -14.70 -6.31 -3.44
CA SER B 104 -13.61 -7.26 -3.27
C SER B 104 -12.66 -7.39 -4.48
N LEU B 105 -12.99 -6.73 -5.59
CA LEU B 105 -12.23 -6.79 -6.84
C LEU B 105 -12.02 -5.41 -7.37
N LEU B 106 -10.91 -5.19 -8.11
CA LEU B 106 -10.70 -3.92 -8.81
C LEU B 106 -10.01 -4.20 -10.11
N ASN B 107 -10.71 -3.95 -11.23
CA ASN B 107 -10.21 -4.14 -12.57
C ASN B 107 -9.37 -2.95 -13.01
N PHE B 108 -8.15 -3.22 -13.51
CA PHE B 108 -7.28 -2.15 -13.99
C PHE B 108 -6.41 -2.61 -15.17
N HIS B 109 -5.89 -1.65 -15.93
CA HIS B 109 -5.01 -1.88 -17.08
C HIS B 109 -3.53 -1.87 -16.62
N PRO B 110 -2.67 -2.74 -17.20
CA PRO B 110 -1.28 -2.86 -16.72
C PRO B 110 -0.48 -1.56 -16.66
N GLY B 111 -0.31 -0.92 -17.79
CA GLY B 111 0.50 0.30 -17.87
C GLY B 111 1.25 0.37 -19.18
N SER B 112 1.98 1.49 -19.38
CA SER B 112 2.64 1.80 -20.65
C SER B 112 4.02 2.35 -20.42
N HIS B 113 5.00 1.89 -21.20
CA HIS B 113 6.40 2.31 -21.07
C HIS B 113 6.72 3.65 -21.74
N LEU B 114 5.79 4.12 -22.64
CA LEU B 114 5.89 5.39 -23.37
C LEU B 114 7.20 5.52 -24.17
N MET B 115 7.78 4.37 -24.55
CA MET B 115 9.03 4.23 -25.31
C MET B 115 10.25 4.82 -24.52
N GLN B 116 10.12 4.96 -23.17
CA GLN B 116 11.15 5.54 -22.30
C GLN B 116 11.92 4.51 -21.48
N ILE B 117 11.32 3.33 -21.23
CA ILE B 117 11.94 2.22 -20.46
C ILE B 117 11.70 0.90 -21.21
N SER B 118 12.46 -0.14 -20.85
CA SER B 118 12.32 -1.46 -21.46
C SER B 118 10.99 -2.10 -20.99
N GLU B 119 10.51 -3.07 -21.77
CA GLU B 119 9.30 -3.83 -21.44
C GLU B 119 9.51 -4.52 -20.08
N GLU B 120 10.70 -5.15 -19.85
CA GLU B 120 11.04 -5.81 -18.57
C GLU B 120 10.94 -4.85 -17.39
N ASP B 121 11.48 -3.60 -17.53
CA ASP B 121 11.46 -2.56 -16.49
C ASP B 121 10.01 -2.17 -16.19
N CYS B 122 9.23 -1.91 -17.25
CA CYS B 122 7.84 -1.52 -17.13
C CYS B 122 7.01 -2.57 -16.40
N LEU B 123 7.14 -3.84 -16.77
CA LEU B 123 6.40 -4.92 -16.11
C LEU B 123 6.76 -5.05 -14.61
N ALA B 124 8.04 -4.84 -14.24
CA ALA B 124 8.49 -4.86 -12.83
C ALA B 124 7.87 -3.67 -12.08
N ARG B 125 7.78 -2.49 -12.73
CA ARG B 125 7.15 -1.29 -12.14
C ARG B 125 5.65 -1.59 -11.89
N ILE B 126 4.97 -2.31 -12.83
CA ILE B 126 3.56 -2.67 -12.67
C ILE B 126 3.37 -3.62 -11.48
N ALA B 127 4.17 -4.71 -11.43
CA ALA B 127 4.09 -5.69 -10.34
C ALA B 127 4.31 -4.98 -8.99
N GLU B 128 5.29 -4.07 -8.94
CA GLU B 128 5.60 -3.36 -7.69
C GLU B 128 4.49 -2.36 -7.27
N SER B 129 3.80 -1.76 -8.26
CA SER B 129 2.65 -0.88 -8.06
C SER B 129 1.56 -1.68 -7.37
N ILE B 130 1.35 -2.93 -7.81
CA ILE B 130 0.38 -3.87 -7.23
C ILE B 130 0.78 -4.22 -5.79
N ASN B 131 2.07 -4.54 -5.57
CA ASN B 131 2.56 -4.82 -4.21
C ASN B 131 2.30 -3.62 -3.29
N ILE B 132 2.59 -2.40 -3.79
CA ILE B 132 2.39 -1.18 -3.01
C ILE B 132 0.90 -1.01 -2.58
N ALA B 133 -0.03 -1.19 -3.53
CA ALA B 133 -1.47 -1.09 -3.28
C ALA B 133 -1.96 -2.20 -2.36
N LEU B 134 -1.51 -3.45 -2.58
CA LEU B 134 -1.89 -4.55 -1.70
C LEU B 134 -1.35 -4.37 -0.25
N ASP B 135 -0.19 -3.71 -0.10
CA ASP B 135 0.40 -3.52 1.22
C ASP B 135 -0.28 -2.40 2.00
N LYS B 136 -0.96 -1.50 1.29
CA LYS B 136 -1.67 -0.34 1.84
C LYS B 136 -3.19 -0.51 1.94
N THR B 137 -3.72 -1.71 1.60
CA THR B 137 -5.16 -1.99 1.62
C THR B 137 -5.42 -3.40 2.10
N GLN B 138 -6.71 -3.77 2.28
CA GLN B 138 -7.11 -5.10 2.71
C GLN B 138 -8.39 -5.53 1.97
N GLY B 139 -8.55 -6.84 1.76
CA GLY B 139 -9.74 -7.47 1.17
C GLY B 139 -10.07 -7.21 -0.28
N VAL B 140 -9.22 -6.46 -1.02
CA VAL B 140 -9.48 -6.17 -2.43
C VAL B 140 -8.45 -6.89 -3.30
N THR B 141 -8.95 -7.61 -4.31
CA THR B 141 -8.09 -8.30 -5.28
C THR B 141 -7.80 -7.34 -6.42
N ALA B 142 -6.51 -7.21 -6.78
CA ALA B 142 -6.08 -6.35 -7.89
C ALA B 142 -6.25 -7.21 -9.15
N VAL B 143 -7.22 -6.84 -9.99
CA VAL B 143 -7.58 -7.61 -11.19
C VAL B 143 -7.01 -6.99 -12.46
N ILE B 144 -5.93 -7.58 -12.97
CA ILE B 144 -5.24 -7.11 -14.16
C ILE B 144 -6.02 -7.47 -15.44
N GLU B 145 -6.39 -6.49 -16.22
CA GLU B 145 -7.08 -6.78 -17.49
C GLU B 145 -6.07 -6.85 -18.63
N ASN B 146 -6.22 -7.81 -19.55
CA ASN B 146 -5.39 -7.85 -20.76
C ASN B 146 -5.76 -6.64 -21.65
N THR B 147 -4.87 -6.30 -22.62
CA THR B 147 -5.12 -5.11 -23.44
C THR B 147 -5.00 -5.42 -24.91
N ALA B 148 -5.43 -4.47 -25.76
CA ALA B 148 -5.33 -4.59 -27.23
C ALA B 148 -3.87 -4.41 -27.67
N GLY B 149 -3.12 -3.69 -26.86
CA GLY B 149 -1.73 -3.38 -27.16
C GLY B 149 -1.54 -2.15 -28.03
N GLN B 150 -2.34 -1.12 -27.77
CA GLN B 150 -2.21 0.16 -28.49
C GLN B 150 -0.90 0.82 -28.02
N GLY B 151 -0.26 1.56 -28.91
CA GLY B 151 0.99 2.29 -28.62
C GLY B 151 1.97 1.48 -27.81
N SER B 152 2.36 1.99 -26.64
CA SER B 152 3.32 1.37 -25.72
C SER B 152 2.66 0.60 -24.55
N ASN B 153 1.32 0.41 -24.61
CA ASN B 153 0.60 -0.33 -23.57
C ASN B 153 1.06 -1.78 -23.53
N LEU B 154 1.31 -2.29 -22.33
CA LEU B 154 1.66 -3.69 -22.15
C LEU B 154 0.41 -4.44 -21.67
N GLY B 155 0.53 -5.74 -21.51
CA GLY B 155 -0.56 -6.59 -21.07
C GLY B 155 -1.37 -7.15 -22.23
N PHE B 156 -0.84 -7.01 -23.47
CA PHE B 156 -1.48 -7.57 -24.66
C PHE B 156 -1.17 -9.03 -24.87
N LYS B 157 -0.09 -9.52 -24.27
CA LYS B 157 0.24 -10.94 -24.30
C LYS B 157 -0.08 -11.55 -22.94
N PHE B 158 -0.58 -12.78 -22.93
CA PHE B 158 -0.85 -13.47 -21.66
C PHE B 158 0.45 -13.65 -20.87
N GLU B 159 1.59 -13.75 -21.59
CA GLU B 159 2.91 -13.81 -20.95
C GLU B 159 3.19 -12.57 -20.09
N HIS B 160 2.72 -11.38 -20.51
CA HIS B 160 2.90 -10.12 -19.75
C HIS B 160 2.19 -10.22 -18.40
N LEU B 161 0.91 -10.68 -18.41
CA LEU B 161 0.10 -10.90 -17.20
C LEU B 161 0.79 -11.89 -16.27
N ALA B 162 1.29 -13.02 -16.81
CA ALA B 162 2.02 -14.00 -15.99
C ALA B 162 3.28 -13.41 -15.36
N ALA B 163 4.07 -12.59 -16.12
CA ALA B 163 5.30 -11.93 -15.62
C ALA B 163 4.95 -10.98 -14.46
N ILE B 164 3.84 -10.22 -14.61
CA ILE B 164 3.37 -9.30 -13.54
C ILE B 164 3.01 -10.09 -12.27
N ILE B 165 2.18 -11.14 -12.39
CA ILE B 165 1.74 -11.98 -11.26
C ILE B 165 2.96 -12.57 -10.56
N ASP B 166 3.95 -13.02 -11.34
CA ASP B 166 5.18 -13.60 -10.78
C ASP B 166 5.91 -12.59 -9.85
N GLY B 167 5.80 -11.29 -10.15
CA GLY B 167 6.36 -10.19 -9.37
C GLY B 167 5.48 -9.76 -8.19
N VAL B 168 4.25 -10.29 -8.12
CA VAL B 168 3.31 -9.95 -7.03
C VAL B 168 3.53 -10.87 -5.84
N GLU B 169 3.76 -10.27 -4.66
CA GLU B 169 4.06 -11.01 -3.42
C GLU B 169 2.85 -11.81 -2.88
N ASP B 170 1.70 -11.14 -2.69
CA ASP B 170 0.51 -11.81 -2.17
C ASP B 170 -0.35 -12.26 -3.33
N LYS B 171 -0.18 -13.52 -3.75
CA LYS B 171 -0.90 -14.15 -4.88
C LYS B 171 -2.37 -14.35 -4.60
N SER B 172 -2.78 -14.34 -3.30
CA SER B 172 -4.20 -14.48 -2.93
C SER B 172 -5.00 -13.25 -3.32
N ARG B 173 -4.30 -12.11 -3.61
CA ARG B 173 -4.94 -10.84 -3.95
C ARG B 173 -4.60 -10.29 -5.33
N VAL B 174 -4.27 -11.16 -6.26
CA VAL B 174 -4.01 -10.74 -7.64
C VAL B 174 -4.81 -11.68 -8.54
N GLY B 175 -5.33 -11.14 -9.62
CA GLY B 175 -6.08 -11.94 -10.58
C GLY B 175 -6.06 -11.31 -11.93
N VAL B 176 -6.83 -11.88 -12.87
CA VAL B 176 -6.88 -11.34 -14.22
C VAL B 176 -8.32 -11.26 -14.74
N CYS B 177 -8.54 -10.33 -15.65
CA CYS B 177 -9.81 -10.23 -16.39
C CYS B 177 -9.48 -10.33 -17.87
N ILE B 178 -10.15 -11.22 -18.59
CA ILE B 178 -9.92 -11.34 -20.02
C ILE B 178 -11.00 -10.61 -20.80
N ASP B 179 -10.60 -9.61 -21.60
CA ASP B 179 -11.50 -8.84 -22.45
C ASP B 179 -11.37 -9.45 -23.86
N THR B 180 -12.50 -9.97 -24.40
CA THR B 180 -12.46 -10.64 -25.70
C THR B 180 -12.03 -9.71 -26.85
N CYS B 181 -12.48 -8.45 -26.83
CA CYS B 181 -12.06 -7.49 -27.88
C CYS B 181 -10.53 -7.29 -27.80
N HIS B 182 -10.01 -7.13 -26.59
CA HIS B 182 -8.58 -6.94 -26.36
C HIS B 182 -7.76 -8.14 -26.80
N ALA B 183 -8.22 -9.38 -26.49
CA ALA B 183 -7.53 -10.60 -26.88
C ALA B 183 -7.46 -10.70 -28.43
N PHE B 184 -8.59 -10.48 -29.11
CA PHE B 184 -8.72 -10.51 -30.59
C PHE B 184 -7.80 -9.46 -31.26
N ALA B 185 -7.88 -8.19 -30.82
CA ALA B 185 -7.03 -7.09 -31.34
C ALA B 185 -5.55 -7.42 -31.15
N ALA B 186 -5.21 -8.18 -30.08
CA ALA B 186 -3.83 -8.58 -29.74
C ALA B 186 -3.36 -9.82 -30.47
N GLY B 187 -4.25 -10.46 -31.24
CA GLY B 187 -3.83 -11.62 -32.01
C GLY B 187 -4.20 -12.99 -31.48
N TYR B 188 -5.11 -13.07 -30.51
CA TYR B 188 -5.64 -14.36 -30.04
C TYR B 188 -6.98 -14.50 -30.75
N ASP B 189 -7.09 -15.44 -31.69
CA ASP B 189 -8.34 -15.60 -32.43
C ASP B 189 -9.43 -16.24 -31.60
N LEU B 190 -10.66 -15.85 -31.88
CA LEU B 190 -11.88 -16.33 -31.21
C LEU B 190 -13.02 -16.54 -32.21
N ARG B 191 -12.72 -16.56 -33.51
CA ARG B 191 -13.79 -16.68 -34.53
C ARG B 191 -14.42 -18.04 -34.72
N THR B 192 -13.79 -19.09 -34.22
CA THR B 192 -14.33 -20.44 -34.26
C THR B 192 -14.20 -21.09 -32.86
N PRO B 193 -15.00 -22.15 -32.54
CA PRO B 193 -14.81 -22.85 -31.25
C PRO B 193 -13.41 -23.42 -31.09
N ALA B 194 -12.78 -23.92 -32.18
CA ALA B 194 -11.42 -24.44 -32.12
C ALA B 194 -10.40 -23.34 -31.74
N GLU B 195 -10.59 -22.11 -32.26
CA GLU B 195 -9.69 -21.00 -31.95
C GLU B 195 -9.91 -20.52 -30.49
N CYS B 196 -11.19 -20.51 -30.01
CA CYS B 196 -11.51 -20.16 -28.62
C CYS B 196 -10.79 -21.14 -27.70
N GLU B 197 -10.90 -22.43 -28.02
CA GLU B 197 -10.26 -23.51 -27.27
C GLU B 197 -8.72 -23.34 -27.15
N LYS B 198 -8.04 -23.07 -28.29
CA LYS B 198 -6.60 -22.82 -28.35
C LYS B 198 -6.23 -21.57 -27.56
N THR B 199 -6.99 -20.46 -27.75
CA THR B 199 -6.70 -19.19 -27.05
C THR B 199 -6.79 -19.45 -25.54
N PHE B 200 -7.85 -20.09 -25.11
CA PHE B 200 -8.01 -20.35 -23.67
C PHE B 200 -7.07 -21.41 -23.08
N ALA B 201 -6.59 -22.36 -23.93
CA ALA B 201 -5.58 -23.36 -23.51
C ALA B 201 -4.23 -22.63 -23.34
N ASP B 202 -3.97 -21.63 -24.19
CA ASP B 202 -2.78 -20.79 -24.10
C ASP B 202 -2.87 -20.00 -22.77
N PHE B 203 -4.07 -19.43 -22.47
CA PHE B 203 -4.27 -18.66 -21.22
C PHE B 203 -4.06 -19.57 -20.00
N ALA B 204 -4.61 -20.79 -20.06
CA ALA B 204 -4.50 -21.80 -18.99
C ALA B 204 -3.05 -22.18 -18.67
N ARG B 205 -2.22 -22.35 -19.70
CA ARG B 205 -0.83 -22.75 -19.50
CA ARG B 205 -0.81 -22.73 -19.61
C ARG B 205 0.07 -21.58 -19.07
N THR B 206 -0.19 -20.36 -19.54
CA THR B 206 0.64 -19.19 -19.22
CA THR B 206 0.61 -19.18 -19.25
C THR B 206 0.22 -18.52 -17.91
N VAL B 207 -1.09 -18.22 -17.73
CA VAL B 207 -1.57 -17.56 -16.52
C VAL B 207 -2.20 -18.57 -15.57
N GLY B 208 -3.18 -19.31 -16.07
CA GLY B 208 -3.92 -20.30 -15.30
C GLY B 208 -5.29 -19.79 -14.92
N PHE B 209 -6.32 -20.61 -15.09
CA PHE B 209 -7.68 -20.24 -14.69
C PHE B 209 -7.82 -19.98 -13.17
N LYS B 210 -6.86 -20.46 -12.36
CA LYS B 210 -6.90 -20.14 -10.90
C LYS B 210 -6.88 -18.63 -10.63
N TYR B 211 -6.33 -17.82 -11.57
CA TYR B 211 -6.29 -16.35 -11.45
C TYR B 211 -7.48 -15.62 -12.13
N LEU B 212 -8.35 -16.34 -12.87
CA LEU B 212 -9.46 -15.64 -13.55
C LEU B 212 -10.51 -15.06 -12.59
N ARG B 213 -10.67 -13.73 -12.58
CA ARG B 213 -11.60 -13.06 -11.67
C ARG B 213 -12.77 -12.37 -12.37
N GLY B 214 -12.73 -12.33 -13.70
CA GLY B 214 -13.77 -11.69 -14.47
C GLY B 214 -13.50 -11.77 -15.95
N MET B 215 -14.52 -11.45 -16.76
CA MET B 215 -14.40 -11.36 -18.21
C MET B 215 -15.09 -10.08 -18.65
N HIS B 216 -14.59 -9.50 -19.76
CA HIS B 216 -15.22 -8.38 -20.45
C HIS B 216 -15.66 -8.92 -21.81
N LEU B 217 -16.97 -8.93 -22.03
CA LEU B 217 -17.53 -9.55 -23.22
C LEU B 217 -17.81 -8.48 -24.21
N ASN B 218 -16.89 -8.29 -25.16
CA ASN B 218 -17.01 -7.29 -26.19
C ASN B 218 -16.77 -7.85 -27.53
N ASP B 219 -17.58 -7.43 -28.53
CA ASP B 219 -17.24 -7.83 -29.88
C ASP B 219 -16.17 -6.77 -30.32
N ALA B 220 -15.60 -6.91 -31.51
CA ALA B 220 -14.54 -6.01 -31.96
C ALA B 220 -14.92 -5.22 -33.21
N LYS B 221 -14.85 -3.87 -33.15
CA LYS B 221 -15.07 -2.99 -34.31
C LYS B 221 -13.76 -3.03 -35.10
N SER B 222 -12.63 -3.12 -34.36
CA SER B 222 -11.29 -3.24 -34.94
C SER B 222 -11.11 -4.66 -35.48
N THR B 223 -10.06 -4.88 -36.29
CA THR B 223 -9.80 -6.17 -36.92
C THR B 223 -8.83 -7.04 -36.12
N PHE B 224 -8.71 -8.32 -36.52
CA PHE B 224 -7.84 -9.31 -35.89
C PHE B 224 -6.38 -8.95 -35.95
N GLY B 225 -5.73 -8.95 -34.80
CA GLY B 225 -4.31 -8.61 -34.69
C GLY B 225 -4.00 -7.16 -34.98
N SER B 226 -5.01 -6.30 -35.02
CA SER B 226 -4.89 -4.86 -35.33
C SER B 226 -4.17 -4.04 -34.25
N ARG B 227 -4.20 -4.52 -32.98
CA ARG B 227 -3.66 -3.80 -31.82
C ARG B 227 -4.40 -2.47 -31.60
N VAL B 228 -5.69 -2.44 -31.98
CA VAL B 228 -6.56 -1.27 -31.84
C VAL B 228 -7.72 -1.62 -30.92
N ASP B 229 -8.00 -0.78 -29.91
CA ASP B 229 -9.02 -1.04 -28.92
C ASP B 229 -10.31 -0.34 -29.29
N ARG B 230 -11.13 -1.00 -30.11
CA ARG B 230 -12.45 -0.49 -30.54
C ARG B 230 -13.50 -1.60 -30.38
N HIS B 231 -14.34 -1.43 -29.37
CA HIS B 231 -15.37 -2.42 -29.04
C HIS B 231 -16.53 -2.32 -30.04
N HIS B 232 -17.37 -3.37 -30.06
CA HIS B 232 -18.63 -3.39 -30.80
C HIS B 232 -19.64 -4.21 -30.04
N SER B 233 -20.93 -3.98 -30.32
CA SER B 233 -22.05 -4.71 -29.77
C SER B 233 -21.92 -6.18 -30.22
N LEU B 234 -22.36 -7.13 -29.38
CA LEU B 234 -22.24 -8.56 -29.69
C LEU B 234 -22.91 -8.90 -31.02
N GLY B 235 -22.17 -9.58 -31.88
CA GLY B 235 -22.66 -10.00 -33.19
C GLY B 235 -22.54 -8.99 -34.31
N GLU B 236 -22.23 -7.73 -33.98
CA GLU B 236 -22.06 -6.63 -34.96
C GLU B 236 -20.60 -6.40 -35.38
N GLY B 237 -19.66 -7.02 -34.66
CA GLY B 237 -18.24 -6.86 -34.94
C GLY B 237 -17.57 -8.00 -35.68
N ASN B 238 -16.23 -7.99 -35.62
CA ASN B 238 -15.34 -8.92 -36.29
C ASN B 238 -15.16 -10.26 -35.59
N ILE B 239 -15.60 -10.38 -34.34
CA ILE B 239 -15.51 -11.67 -33.63
C ILE B 239 -16.71 -12.56 -33.96
N GLY B 240 -17.92 -11.96 -33.91
CA GLY B 240 -19.18 -12.64 -34.15
C GLY B 240 -19.78 -13.25 -32.89
N HIS B 241 -21.04 -13.74 -33.01
CA HIS B 241 -21.80 -14.32 -31.90
CA HIS B 241 -21.81 -14.33 -31.90
C HIS B 241 -21.21 -15.62 -31.33
N ASP B 242 -20.60 -16.47 -32.17
CA ASP B 242 -20.06 -17.80 -31.75
C ASP B 242 -19.17 -17.89 -30.53
N ALA B 243 -18.22 -16.96 -30.41
CA ALA B 243 -17.27 -16.96 -29.29
C ALA B 243 -18.03 -16.79 -27.98
N PHE B 244 -19.07 -15.94 -27.98
CA PHE B 244 -19.86 -15.62 -26.79
C PHE B 244 -20.75 -16.78 -26.39
N ARG B 245 -21.31 -17.49 -27.38
CA ARG B 245 -22.07 -18.73 -27.11
C ARG B 245 -21.06 -19.75 -26.46
N TRP B 246 -19.86 -19.90 -27.05
CA TRP B 246 -18.81 -20.82 -26.58
C TRP B 246 -18.43 -20.52 -25.12
N ILE B 247 -18.23 -19.23 -24.77
CA ILE B 247 -17.89 -18.80 -23.38
C ILE B 247 -19.03 -19.16 -22.41
N MET B 248 -20.29 -18.85 -22.82
CA MET B 248 -21.46 -19.09 -21.97
C MET B 248 -21.67 -20.58 -21.67
N GLN B 249 -21.21 -21.44 -22.58
CA GLN B 249 -21.34 -22.89 -22.46
C GLN B 249 -20.12 -23.57 -21.83
N ASP B 250 -19.12 -22.80 -21.42
CA ASP B 250 -17.91 -23.37 -20.83
C ASP B 250 -17.89 -23.11 -19.31
N ASP B 251 -17.75 -24.17 -18.50
CA ASP B 251 -17.77 -24.05 -17.04
C ASP B 251 -16.62 -23.32 -16.36
N ARG B 252 -15.53 -23.03 -17.11
CA ARG B 252 -14.38 -22.33 -16.53
C ARG B 252 -14.64 -20.82 -16.30
N PHE B 253 -15.73 -20.30 -16.91
CA PHE B 253 -16.12 -18.90 -16.79
C PHE B 253 -17.24 -18.68 -15.75
N ASP B 254 -17.49 -19.68 -14.86
CA ASP B 254 -18.52 -19.62 -13.81
C ASP B 254 -18.05 -18.87 -12.57
N GLY B 255 -19.01 -18.35 -11.80
CA GLY B 255 -18.80 -17.70 -10.52
C GLY B 255 -18.09 -16.37 -10.50
N ILE B 256 -17.97 -15.71 -11.69
CA ILE B 256 -17.26 -14.42 -11.82
C ILE B 256 -18.10 -13.38 -12.58
N PRO B 257 -17.83 -12.07 -12.43
CA PRO B 257 -18.56 -11.08 -13.25
C PRO B 257 -18.17 -11.14 -14.72
N LEU B 258 -19.19 -11.23 -15.62
CA LEU B 258 -18.99 -11.22 -17.07
C LEU B 258 -19.63 -9.94 -17.48
N ILE B 259 -18.79 -9.01 -17.92
CA ILE B 259 -19.20 -7.64 -18.15
C ILE B 259 -19.22 -7.20 -19.60
N LEU B 260 -20.36 -6.69 -20.07
CA LEU B 260 -20.41 -6.10 -21.39
C LEU B 260 -19.84 -4.66 -21.30
N GLU B 261 -19.02 -4.27 -22.27
CA GLU B 261 -18.55 -2.88 -22.40
C GLU B 261 -18.82 -2.55 -23.88
N THR B 262 -19.96 -3.09 -24.37
CA THR B 262 -20.43 -2.94 -25.74
C THR B 262 -20.89 -1.51 -25.96
N ILE B 263 -20.81 -1.05 -27.20
CA ILE B 263 -21.04 0.36 -27.58
C ILE B 263 -22.47 0.87 -27.72
N ASN B 264 -23.46 0.00 -27.53
CA ASN B 264 -24.88 0.36 -27.63
CA ASN B 264 -24.86 0.39 -27.59
C ASN B 264 -25.59 -0.03 -26.32
N PRO B 265 -25.58 0.85 -25.29
CA PRO B 265 -26.25 0.50 -24.03
C PRO B 265 -27.76 0.24 -24.15
N ASP B 266 -28.38 0.77 -25.20
CA ASP B 266 -29.82 0.61 -25.54
C ASP B 266 -30.20 -0.86 -25.71
N ILE B 267 -29.21 -1.71 -26.06
CA ILE B 267 -29.40 -3.15 -26.32
C ILE B 267 -28.70 -4.11 -25.34
N TRP B 268 -28.13 -3.57 -24.25
CA TRP B 268 -27.52 -4.36 -23.18
C TRP B 268 -28.51 -5.38 -22.62
N ALA B 269 -29.78 -4.98 -22.36
CA ALA B 269 -30.77 -5.93 -21.86
C ALA B 269 -30.99 -7.11 -22.81
N GLU B 270 -30.85 -6.88 -24.14
CA GLU B 270 -30.98 -7.92 -25.19
C GLU B 270 -29.71 -8.78 -25.20
N GLU B 271 -28.54 -8.14 -25.12
CA GLU B 271 -27.27 -8.87 -25.04
C GLU B 271 -27.24 -9.79 -23.82
N ILE B 272 -27.71 -9.29 -22.65
CA ILE B 272 -27.79 -10.06 -21.39
C ILE B 272 -28.77 -11.22 -21.54
N ALA B 273 -29.99 -10.97 -22.10
CA ALA B 273 -31.00 -12.01 -22.32
C ALA B 273 -30.46 -13.07 -23.26
N TRP B 274 -29.78 -12.66 -24.36
CA TRP B 274 -29.22 -13.61 -25.31
C TRP B 274 -28.10 -14.44 -24.66
N LEU B 275 -27.18 -13.79 -23.90
CA LEU B 275 -26.08 -14.53 -23.21
C LEU B 275 -26.63 -15.60 -22.24
N LYS B 276 -27.64 -15.22 -21.41
CA LYS B 276 -28.28 -16.16 -20.47
C LYS B 276 -28.82 -17.36 -21.22
N ALA B 277 -29.50 -17.12 -22.37
CA ALA B 277 -30.10 -18.16 -23.20
C ALA B 277 -29.08 -19.11 -23.85
N GLN B 278 -27.82 -18.69 -23.97
CA GLN B 278 -26.78 -19.53 -24.58
C GLN B 278 -26.26 -20.57 -23.60
N GLN B 279 -26.52 -20.39 -22.30
CA GLN B 279 -26.03 -21.36 -21.30
C GLN B 279 -26.62 -22.76 -21.51
#